data_6L5O
#
_entry.id   6L5O
#
_cell.length_a   66.460
_cell.length_b   43.830
_cell.length_c   72.440
_cell.angle_alpha   90.000
_cell.angle_beta   115.640
_cell.angle_gamma   90.000
#
_symmetry.space_group_name_H-M   'P 1 21 1'
#
loop_
_entity.id
_entity.type
_entity.pdbx_description
1 polymer 'Nucleolar RNA helicase 2'
2 non-polymer "ADENOSINE-5'-DIPHOSPHATE"
3 non-polymer 'MAGNESIUM ION'
4 non-polymer GLYCEROL
5 water water
#
_entity_poly.entity_id   1
_entity_poly.type   'polypeptide(L)'
_entity_poly.pdbx_seq_one_letter_code
;SFSNFPISEETIKLLKGRGVTFLFPIQAKTFHHVYSGKDLIAQARTGTGKTFSFAIPLIEKLHGELQDRKRGRAPQVLVL
APTRELANQVSKDFSDITKKLSVACFYGGTPYGGQFERMRNGIDILVGTPGRIKDHIQNGKLDLTKLKHVVLDEVDQMLD
MGFADQVEEILSVAYKKDSEDNPQTLLFSATCPHWVFNVAKKYMKSTYEQVDLIKTAITVEHLAIKCHWTQRAAVIGDVI
RVYSGHQGRTIIFCETKKEAQELSQNSAIKQDAQSLHGDIPQKQREITLKGFRNGSFGVLVATNVAARGLDIPEVDLVIQ
SSPPKDVESYIHRSGRTGRAGRTGVCICFYQHKEEYQLVQVEQKAGIKFKRI
;
_entity_poly.pdbx_strand_id   A
#
# COMPACT_ATOMS: atom_id res chain seq x y z
N SER A 1 -16.50 11.21 13.84
CA SER A 1 -17.37 12.28 13.35
C SER A 1 -16.79 12.91 12.11
N PHE A 2 -17.62 13.74 11.48
CA PHE A 2 -17.35 14.25 10.14
C PHE A 2 -17.50 15.76 10.06
N SER A 3 -17.34 16.46 11.19
CA SER A 3 -17.64 17.90 11.26
C SER A 3 -16.84 18.72 10.25
N ASN A 4 -15.63 18.29 9.92
CA ASN A 4 -14.81 19.07 9.00
C ASN A 4 -15.17 18.90 7.54
N PHE A 5 -16.16 18.04 7.22
CA PHE A 5 -16.37 17.72 5.82
C PHE A 5 -17.85 17.82 5.44
N PRO A 6 -18.15 18.26 4.22
CA PRO A 6 -19.57 18.41 3.78
C PRO A 6 -20.25 17.09 3.42
N ILE A 7 -20.43 16.25 4.42
CA ILE A 7 -21.02 14.93 4.28
C ILE A 7 -22.40 14.97 4.91
N SER A 8 -23.43 14.56 4.17
CA SER A 8 -24.81 14.70 4.63
C SER A 8 -25.14 13.68 5.72
N GLU A 9 -26.25 13.94 6.42
CA GLU A 9 -26.68 13.00 7.46
C GLU A 9 -27.07 11.65 6.85
N GLU A 10 -27.72 11.66 5.69
CA GLU A 10 -28.04 10.41 5.00
C GLU A 10 -26.78 9.60 4.72
N THR A 11 -25.76 10.24 4.16
CA THR A 11 -24.52 9.54 3.86
C THR A 11 -23.87 9.01 5.14
N ILE A 12 -23.87 9.82 6.21
CA ILE A 12 -23.28 9.38 7.47
C ILE A 12 -23.98 8.12 7.99
N LYS A 13 -25.30 8.04 7.83
CA LYS A 13 -26.00 6.85 8.31
C LYS A 13 -25.61 5.62 7.51
N LEU A 14 -25.45 5.78 6.20
CA LEU A 14 -25.00 4.65 5.39
C LEU A 14 -23.57 4.25 5.73
N LEU A 15 -22.71 5.23 5.97
CA LEU A 15 -21.32 4.95 6.35
C LEU A 15 -21.24 4.17 7.65
N LYS A 16 -22.13 4.47 8.61
CA LYS A 16 -22.17 3.71 9.86
C LYS A 16 -22.46 2.23 9.62
N GLY A 17 -23.34 1.93 8.67
CA GLY A 17 -23.57 0.54 8.28
C GLY A 17 -22.35 -0.16 7.72
N ARG A 18 -21.36 0.61 7.26
CA ARG A 18 -20.10 0.04 6.83
C ARG A 18 -19.00 0.19 7.88
N GLY A 19 -19.37 0.53 9.12
CA GLY A 19 -18.36 0.71 10.16
C GLY A 19 -17.50 1.94 10.04
N VAL A 20 -17.88 2.90 9.22
CA VAL A 20 -17.09 4.12 9.02
C VAL A 20 -17.67 5.22 9.90
N THR A 21 -16.91 5.68 10.90
CA THR A 21 -17.37 6.76 11.78
C THR A 21 -16.46 7.98 11.77
N PHE A 22 -15.32 7.93 11.09
CA PHE A 22 -14.48 9.09 10.89
C PHE A 22 -13.60 8.80 9.68
N LEU A 23 -12.97 9.84 9.15
CA LEU A 23 -12.16 9.67 7.94
C LEU A 23 -10.71 9.35 8.31
N PHE A 24 -10.18 8.28 7.70
CA PHE A 24 -8.76 7.94 7.81
C PHE A 24 -7.91 9.05 7.19
N PRO A 25 -6.61 9.11 7.52
CA PRO A 25 -5.75 10.16 6.96
C PRO A 25 -5.82 10.32 5.45
N ILE A 26 -5.75 9.24 4.68
CA ILE A 26 -5.76 9.42 3.23
C ILE A 26 -7.08 10.03 2.78
N GLN A 27 -8.19 9.73 3.49
CA GLN A 27 -9.47 10.33 3.17
C GLN A 27 -9.52 11.79 3.59
N ALA A 28 -9.10 12.08 4.81
CA ALA A 28 -9.18 13.45 5.31
C ALA A 28 -8.29 14.40 4.52
N LYS A 29 -7.13 13.91 4.06
CA LYS A 29 -6.19 14.78 3.37
C LYS A 29 -6.51 14.97 1.90
N THR A 30 -7.41 14.15 1.34
CA THR A 30 -7.81 14.30 -0.06
C THR A 30 -9.20 14.88 -0.26
N PHE A 31 -10.04 14.99 0.80
CA PHE A 31 -11.45 15.31 0.57
C PHE A 31 -11.62 16.63 -0.17
N HIS A 32 -11.02 17.70 0.35
CA HIS A 32 -11.21 19.00 -0.28
C HIS A 32 -10.65 19.04 -1.70
N HIS A 33 -9.49 18.43 -1.93
CA HIS A 33 -8.96 18.35 -3.30
C HIS A 33 -9.97 17.72 -4.25
N VAL A 34 -10.53 16.58 -3.87
CA VAL A 34 -11.46 15.90 -4.76
C VAL A 34 -12.74 16.72 -4.89
N TYR A 35 -13.32 17.11 -3.76
CA TYR A 35 -14.60 17.80 -3.76
C TYR A 35 -14.53 19.13 -4.50
N SER A 36 -13.39 19.83 -4.41
CA SER A 36 -13.28 21.15 -5.03
C SER A 36 -12.91 21.10 -6.50
N GLY A 37 -12.66 19.93 -7.07
CA GLY A 37 -12.47 19.81 -8.50
C GLY A 37 -11.04 19.75 -9.01
N LYS A 38 -10.06 19.62 -8.11
CA LYS A 38 -8.66 19.58 -8.50
C LYS A 38 -8.29 18.21 -9.07
N ASP A 39 -7.36 18.21 -10.02
CA ASP A 39 -6.68 16.96 -10.39
C ASP A 39 -5.76 16.54 -9.24
N LEU A 40 -5.58 15.23 -9.08
CA LEU A 40 -4.95 14.72 -7.86
C LEU A 40 -4.24 13.39 -8.12
N ILE A 41 -3.05 13.24 -7.57
CA ILE A 41 -2.45 11.93 -7.44
C ILE A 41 -2.26 11.66 -5.96
N ALA A 42 -2.83 10.55 -5.48
CA ALA A 42 -2.79 10.21 -4.06
C ALA A 42 -2.15 8.85 -3.90
N GLN A 43 -1.22 8.74 -2.96
CA GLN A 43 -0.51 7.49 -2.75
C GLN A 43 -0.60 7.13 -1.27
N ALA A 44 -1.06 5.92 -0.99
CA ALA A 44 -1.15 5.41 0.37
C ALA A 44 -1.04 3.90 0.32
N ARG A 45 -0.57 3.32 1.43
CA ARG A 45 -0.36 1.88 1.47
C ARG A 45 -1.66 1.12 1.27
N THR A 46 -1.52 -0.12 0.80
CA THR A 46 -2.68 -0.99 0.66
C THR A 46 -3.39 -1.15 2.00
N GLY A 47 -4.72 -1.05 1.96
CA GLY A 47 -5.55 -1.23 3.13
C GLY A 47 -5.84 0.03 3.92
N THR A 48 -5.44 1.20 3.45
CA THR A 48 -5.55 2.42 4.23
C THR A 48 -6.77 3.27 3.87
N GLY A 49 -7.57 2.86 2.88
CA GLY A 49 -8.84 3.53 2.66
C GLY A 49 -8.93 4.37 1.40
N LYS A 50 -8.20 3.98 0.35
CA LYS A 50 -8.22 4.80 -0.86
C LYS A 50 -9.60 4.81 -1.51
N THR A 51 -10.37 3.72 -1.41
CA THR A 51 -11.64 3.68 -2.13
C THR A 51 -12.57 4.80 -1.69
N PHE A 52 -12.80 4.92 -0.37
CA PHE A 52 -13.68 5.97 0.12
C PHE A 52 -13.07 7.37 -0.03
N SER A 53 -11.74 7.46 -0.21
CA SER A 53 -11.10 8.75 -0.45
C SER A 53 -11.60 9.44 -1.71
N PHE A 54 -11.91 8.67 -2.76
CA PHE A 54 -12.59 9.28 -3.88
C PHE A 54 -14.11 9.10 -3.83
N ALA A 55 -14.61 7.97 -3.32
CA ALA A 55 -16.04 7.71 -3.43
C ALA A 55 -16.89 8.67 -2.58
N ILE A 56 -16.48 8.98 -1.35
CA ILE A 56 -17.33 9.85 -0.52
C ILE A 56 -17.41 11.26 -1.09
N PRO A 57 -16.30 11.95 -1.37
CA PRO A 57 -16.44 13.32 -1.89
C PRO A 57 -17.12 13.37 -3.25
N LEU A 58 -16.95 12.35 -4.10
CA LEU A 58 -17.60 12.36 -5.41
C LEU A 58 -19.11 12.21 -5.28
N ILE A 59 -19.54 11.33 -4.37
CA ILE A 59 -20.97 11.11 -4.18
C ILE A 59 -21.64 12.37 -3.64
N GLU A 60 -21.01 13.00 -2.64
CA GLU A 60 -21.55 14.25 -2.14
C GLU A 60 -21.61 15.29 -3.24
N LYS A 61 -20.56 15.36 -4.08
CA LYS A 61 -20.58 16.28 -5.21
C LYS A 61 -21.78 16.03 -6.12
N LEU A 62 -21.98 14.77 -6.50
CA LEU A 62 -23.05 14.46 -7.44
C LEU A 62 -24.42 14.66 -6.81
N HIS A 63 -24.56 14.35 -5.51
CA HIS A 63 -25.83 14.56 -4.84
C HIS A 63 -26.24 16.03 -4.89
N GLY A 64 -25.27 16.94 -4.82
CA GLY A 64 -25.56 18.35 -4.98
C GLY A 64 -25.81 18.76 -6.41
N GLU A 65 -25.15 18.12 -7.37
CA GLU A 65 -25.23 18.59 -8.76
C GLU A 65 -26.35 17.96 -9.57
N LEU A 66 -26.58 16.65 -9.47
CA LEU A 66 -27.50 15.96 -10.37
C LEU A 66 -28.90 15.88 -9.77
N GLN A 67 -29.56 17.04 -9.71
CA GLN A 67 -30.90 17.09 -9.16
C GLN A 67 -31.96 16.55 -10.11
N ASP A 68 -31.65 16.49 -11.41
CA ASP A 68 -32.60 16.07 -12.46
C ASP A 68 -32.01 14.94 -13.29
N ARG A 69 -32.18 13.70 -12.84
CA ARG A 69 -31.55 12.55 -13.50
C ARG A 69 -32.55 11.92 -14.47
N LYS A 70 -32.32 12.14 -15.76
CA LYS A 70 -33.21 11.68 -16.82
C LYS A 70 -32.83 10.28 -17.30
N ARG A 71 -33.82 9.54 -17.81
CA ARG A 71 -33.54 8.24 -18.39
C ARG A 71 -32.57 8.37 -19.55
N GLY A 72 -31.61 7.46 -19.63
CA GLY A 72 -30.64 7.45 -20.71
C GLY A 72 -29.43 8.32 -20.49
N ARG A 73 -29.30 8.99 -19.35
CA ARG A 73 -28.21 9.93 -19.16
C ARG A 73 -26.87 9.21 -19.17
N ALA A 74 -25.84 9.91 -19.66
CA ALA A 74 -24.50 9.37 -19.70
C ALA A 74 -23.82 9.53 -18.34
N PRO A 75 -22.86 8.66 -18.01
CA PRO A 75 -22.20 8.76 -16.70
C PRO A 75 -21.47 10.07 -16.51
N GLN A 76 -21.40 10.49 -15.25
CA GLN A 76 -20.62 11.64 -14.83
C GLN A 76 -19.29 11.25 -14.22
N VAL A 77 -19.17 10.02 -13.74
CA VAL A 77 -17.95 9.54 -13.10
C VAL A 77 -17.57 8.23 -13.77
N LEU A 78 -16.31 8.08 -14.13
CA LEU A 78 -15.77 6.81 -14.60
C LEU A 78 -14.67 6.39 -13.64
N VAL A 79 -14.71 5.13 -13.20
CA VAL A 79 -13.63 4.52 -12.43
C VAL A 79 -13.15 3.29 -13.18
N LEU A 80 -11.90 3.29 -13.59
CA LEU A 80 -11.27 2.13 -14.19
C LEU A 80 -10.46 1.40 -13.13
N ALA A 81 -10.62 0.09 -13.06
CA ALA A 81 -9.86 -0.75 -12.15
C ALA A 81 -9.33 -1.93 -12.94
N PRO A 82 -8.23 -2.54 -12.49
CA PRO A 82 -7.54 -3.51 -13.36
C PRO A 82 -8.10 -4.92 -13.32
N THR A 83 -8.94 -5.28 -12.35
CA THR A 83 -9.53 -6.62 -12.32
C THR A 83 -11.01 -6.55 -12.01
N ARG A 84 -11.72 -7.60 -12.42
CA ARG A 84 -13.14 -7.75 -12.08
C ARG A 84 -13.35 -7.68 -10.57
N GLU A 85 -12.50 -8.33 -9.79
CA GLU A 85 -12.69 -8.32 -8.33
C GLU A 85 -12.52 -6.91 -7.75
N LEU A 86 -11.53 -6.15 -8.25
CA LEU A 86 -11.34 -4.79 -7.76
C LEU A 86 -12.45 -3.86 -8.24
N ALA A 87 -12.92 -4.05 -9.48
CA ALA A 87 -14.03 -3.23 -9.96
C ALA A 87 -15.31 -3.50 -9.16
N ASN A 88 -15.60 -4.77 -8.88
N ASN A 88 -15.60 -4.77 -8.86
CA ASN A 88 -16.78 -5.10 -8.08
CA ASN A 88 -16.79 -5.10 -8.08
C ASN A 88 -16.70 -4.47 -6.69
C ASN A 88 -16.71 -4.48 -6.68
N GLN A 89 -15.53 -4.52 -6.05
CA GLN A 89 -15.40 -3.96 -4.71
C GLN A 89 -15.63 -2.46 -4.71
N VAL A 90 -15.08 -1.75 -5.71
CA VAL A 90 -15.26 -0.31 -5.76
C VAL A 90 -16.72 0.05 -6.02
N SER A 91 -17.36 -0.67 -6.95
CA SER A 91 -18.77 -0.42 -7.24
C SER A 91 -19.64 -0.67 -6.02
N LYS A 92 -19.36 -1.75 -5.30
CA LYS A 92 -20.12 -2.04 -4.08
C LYS A 92 -19.98 -0.94 -3.05
N ASP A 93 -18.78 -0.37 -2.93
CA ASP A 93 -18.57 0.69 -1.96
C ASP A 93 -19.36 1.94 -2.33
N PHE A 94 -19.41 2.30 -3.63
CA PHE A 94 -20.27 3.38 -4.07
C PHE A 94 -21.74 3.10 -3.76
N SER A 95 -22.25 1.92 -4.15
N SER A 95 -22.25 1.91 -4.13
CA SER A 95 -23.67 1.63 -4.01
CA SER A 95 -23.68 1.65 -4.01
C SER A 95 -24.09 1.58 -2.54
C SER A 95 -24.12 1.42 -2.57
N ASP A 96 -23.17 1.17 -1.66
CA ASP A 96 -23.50 1.09 -0.25
C ASP A 96 -23.69 2.46 0.39
N ILE A 97 -23.12 3.52 -0.19
CA ILE A 97 -23.20 4.83 0.46
C ILE A 97 -24.00 5.85 -0.34
N THR A 98 -24.61 5.46 -1.45
CA THR A 98 -25.61 6.32 -2.09
C THR A 98 -26.78 5.46 -2.53
N LYS A 99 -27.98 5.87 -2.14
CA LYS A 99 -29.21 5.25 -2.62
C LYS A 99 -29.89 6.13 -3.66
N LYS A 100 -29.24 7.20 -4.08
CA LYS A 100 -29.84 8.13 -5.02
C LYS A 100 -29.26 7.97 -6.42
N LEU A 101 -28.01 7.57 -6.54
CA LEU A 101 -27.30 7.57 -7.81
C LEU A 101 -27.29 6.18 -8.45
N SER A 102 -27.29 6.17 -9.78
CA SER A 102 -27.24 4.91 -10.52
C SER A 102 -25.78 4.50 -10.68
N VAL A 103 -25.41 3.39 -10.05
CA VAL A 103 -24.03 2.90 -10.03
C VAL A 103 -24.00 1.62 -10.84
N ALA A 104 -23.10 1.55 -11.82
CA ALA A 104 -22.96 0.38 -12.68
C ALA A 104 -21.52 -0.10 -12.69
N CYS A 105 -21.34 -1.41 -12.90
CA CYS A 105 -20.03 -2.05 -12.89
C CYS A 105 -19.95 -2.95 -14.11
N PHE A 106 -19.06 -2.62 -15.05
CA PHE A 106 -18.93 -3.38 -16.30
C PHE A 106 -17.58 -4.10 -16.32
N TYR A 107 -17.60 -5.44 -16.36
CA TYR A 107 -16.38 -6.22 -16.51
C TYR A 107 -16.68 -7.37 -17.46
N GLY A 108 -15.65 -8.15 -17.78
CA GLY A 108 -15.80 -9.24 -18.72
C GLY A 108 -16.20 -10.52 -18.02
N GLY A 109 -16.40 -11.57 -18.82
CA GLY A 109 -16.90 -12.80 -18.25
C GLY A 109 -18.33 -12.71 -17.75
N THR A 110 -19.15 -11.85 -18.34
CA THR A 110 -20.52 -11.60 -17.91
C THR A 110 -21.33 -11.13 -19.10
N PRO A 111 -22.65 -11.33 -19.11
CA PRO A 111 -23.45 -11.02 -20.30
C PRO A 111 -23.45 -9.54 -20.66
N TYR A 112 -23.58 -9.27 -21.97
CA TYR A 112 -23.62 -7.89 -22.43
C TYR A 112 -24.99 -7.25 -22.23
N GLY A 113 -26.08 -8.04 -22.31
CA GLY A 113 -27.40 -7.45 -22.36
C GLY A 113 -27.77 -6.64 -21.14
N GLY A 114 -27.44 -7.14 -19.95
CA GLY A 114 -27.72 -6.38 -18.74
C GLY A 114 -26.97 -5.06 -18.70
N GLN A 115 -25.75 -5.03 -19.24
CA GLN A 115 -25.00 -3.79 -19.33
C GLN A 115 -25.64 -2.82 -20.33
N PHE A 116 -26.11 -3.33 -21.47
CA PHE A 116 -26.85 -2.49 -22.40
C PHE A 116 -28.04 -1.82 -21.72
N GLU A 117 -28.76 -2.55 -20.87
CA GLU A 117 -29.94 -1.97 -20.24
C GLU A 117 -29.58 -0.91 -19.21
N ARG A 118 -28.48 -1.10 -18.44
CA ARG A 118 -28.02 -0.02 -17.57
C ARG A 118 -27.76 1.25 -18.36
N MET A 119 -27.12 1.13 -19.52
CA MET A 119 -26.83 2.32 -20.32
C MET A 119 -28.12 2.95 -20.85
N ARG A 120 -29.09 2.13 -21.28
CA ARG A 120 -30.37 2.66 -21.73
C ARG A 120 -31.11 3.40 -20.61
N ASN A 121 -31.10 2.83 -19.42
CA ASN A 121 -31.84 3.44 -18.32
C ASN A 121 -31.11 4.64 -17.72
N GLY A 122 -29.78 4.68 -17.81
CA GLY A 122 -29.07 5.83 -17.32
C GLY A 122 -28.10 5.48 -16.21
N ILE A 123 -26.92 6.10 -16.24
CA ILE A 123 -25.85 5.80 -15.29
C ILE A 123 -25.25 7.12 -14.79
N ASP A 124 -24.97 7.19 -13.49
CA ASP A 124 -24.26 8.33 -12.94
C ASP A 124 -22.79 8.02 -12.65
N ILE A 125 -22.52 6.84 -12.10
CA ILE A 125 -21.18 6.39 -11.76
C ILE A 125 -20.97 5.05 -12.44
N LEU A 126 -19.99 4.98 -13.33
CA LEU A 126 -19.62 3.76 -14.04
C LEU A 126 -18.28 3.27 -13.54
N VAL A 127 -18.25 2.04 -13.03
CA VAL A 127 -17.00 1.39 -12.64
C VAL A 127 -16.77 0.24 -13.61
N GLY A 128 -15.52 0.01 -14.00
CA GLY A 128 -15.32 -1.12 -14.89
C GLY A 128 -13.85 -1.41 -15.14
N THR A 129 -13.62 -2.52 -15.79
CA THR A 129 -12.32 -2.89 -16.31
C THR A 129 -12.14 -2.34 -17.74
N PRO A 130 -10.91 -2.07 -18.17
CA PRO A 130 -10.74 -1.36 -19.46
C PRO A 130 -11.29 -2.12 -20.65
N GLY A 131 -11.14 -3.44 -20.68
CA GLY A 131 -11.52 -4.20 -21.86
C GLY A 131 -12.99 -4.05 -22.19
N ARG A 132 -13.87 -4.30 -21.20
CA ARG A 132 -15.30 -4.26 -21.45
C ARG A 132 -15.79 -2.84 -21.67
N ILE A 133 -15.20 -1.87 -20.96
CA ILE A 133 -15.57 -0.47 -21.20
C ILE A 133 -15.22 -0.06 -22.63
N LYS A 134 -14.01 -0.43 -23.08
CA LYS A 134 -13.61 -0.10 -24.44
C LYS A 134 -14.55 -0.75 -25.46
N ASP A 135 -15.00 -1.99 -25.20
CA ASP A 135 -15.94 -2.64 -26.11
C ASP A 135 -17.20 -1.81 -26.30
N HIS A 136 -17.76 -1.31 -25.18
CA HIS A 136 -19.00 -0.54 -25.23
C HIS A 136 -18.82 0.82 -25.88
N ILE A 137 -17.63 1.41 -25.79
CA ILE A 137 -17.37 2.62 -26.58
C ILE A 137 -17.40 2.28 -28.07
N GLN A 138 -16.73 1.20 -28.45
CA GLN A 138 -16.62 0.86 -29.86
C GLN A 138 -17.96 0.44 -30.45
N ASN A 139 -18.80 -0.24 -29.68
CA ASN A 139 -20.10 -0.64 -30.21
C ASN A 139 -21.12 0.51 -30.20
N GLY A 140 -20.70 1.72 -29.84
CA GLY A 140 -21.56 2.88 -29.90
C GLY A 140 -22.60 3.02 -28.81
N LYS A 141 -22.59 2.19 -27.77
CA LYS A 141 -23.66 2.27 -26.79
C LYS A 141 -23.29 3.15 -25.59
N LEU A 142 -22.01 3.29 -25.28
CA LEU A 142 -21.55 4.03 -24.10
C LEU A 142 -21.06 5.42 -24.49
N ASP A 143 -21.62 6.45 -23.84
CA ASP A 143 -21.24 7.83 -24.07
C ASP A 143 -20.34 8.30 -22.92
N LEU A 144 -19.05 8.45 -23.19
CA LEU A 144 -18.11 8.96 -22.19
C LEU A 144 -17.71 10.41 -22.46
N THR A 145 -18.44 11.12 -23.31
CA THR A 145 -18.07 12.49 -23.68
C THR A 145 -18.65 13.52 -22.72
N LYS A 146 -19.39 13.11 -21.71
CA LYS A 146 -19.95 14.03 -20.74
C LYS A 146 -19.41 13.76 -19.33
N LEU A 147 -18.30 13.07 -19.21
CA LEU A 147 -17.71 12.80 -17.90
C LEU A 147 -17.25 14.10 -17.25
N LYS A 148 -17.43 14.18 -15.93
CA LYS A 148 -16.84 15.26 -15.15
C LYS A 148 -15.73 14.78 -14.22
N HIS A 149 -15.59 13.46 -14.03
CA HIS A 149 -14.59 12.90 -13.11
C HIS A 149 -14.13 11.55 -13.64
N VAL A 150 -12.83 11.32 -13.57
CA VAL A 150 -12.22 10.07 -14.01
C VAL A 150 -11.27 9.60 -12.91
N VAL A 151 -11.46 8.36 -12.44
CA VAL A 151 -10.60 7.77 -11.41
C VAL A 151 -9.85 6.58 -12.02
N LEU A 152 -8.53 6.60 -11.93
CA LEU A 152 -7.71 5.45 -12.29
C LEU A 152 -7.27 4.82 -10.97
N ASP A 153 -7.95 3.73 -10.59
CA ASP A 153 -7.70 3.09 -9.31
C ASP A 153 -6.67 1.98 -9.48
N GLU A 154 -5.73 1.89 -8.53
CA GLU A 154 -4.61 0.95 -8.64
C GLU A 154 -3.93 1.13 -9.99
N VAL A 155 -3.60 2.38 -10.31
CA VAL A 155 -3.11 2.69 -11.65
C VAL A 155 -1.77 1.99 -11.91
N ASP A 156 -0.96 1.77 -10.88
CA ASP A 156 0.29 1.05 -11.05
C ASP A 156 0.05 -0.39 -11.50
N GLN A 157 -0.83 -1.09 -10.80
CA GLN A 157 -1.17 -2.45 -11.20
C GLN A 157 -1.80 -2.48 -12.59
N MET A 158 -2.67 -1.52 -12.89
CA MET A 158 -3.34 -1.49 -14.17
C MET A 158 -2.33 -1.39 -15.31
N LEU A 159 -1.33 -0.53 -15.18
CA LEU A 159 -0.36 -0.41 -16.28
C LEU A 159 0.66 -1.56 -16.27
N ASP A 160 1.00 -2.10 -15.09
CA ASP A 160 1.88 -3.27 -15.06
C ASP A 160 1.25 -4.46 -15.77
N MET A 161 -0.08 -4.57 -15.72
CA MET A 161 -0.81 -5.66 -16.37
C MET A 161 -1.03 -5.42 -17.86
N GLY A 162 -0.54 -4.32 -18.41
CA GLY A 162 -0.58 -4.10 -19.85
C GLY A 162 -1.70 -3.23 -20.37
N PHE A 163 -2.46 -2.56 -19.50
CA PHE A 163 -3.64 -1.81 -19.93
C PHE A 163 -3.36 -0.39 -20.42
N ALA A 164 -2.10 0.04 -20.57
CA ALA A 164 -1.86 1.44 -20.91
C ALA A 164 -2.60 1.82 -22.19
N ASP A 165 -2.49 1.00 -23.24
CA ASP A 165 -3.07 1.39 -24.53
C ASP A 165 -4.59 1.45 -24.45
N GLN A 166 -5.21 0.48 -23.78
CA GLN A 166 -6.67 0.49 -23.69
C GLN A 166 -7.17 1.67 -22.88
N VAL A 167 -6.46 2.02 -21.79
CA VAL A 167 -6.82 3.18 -20.99
C VAL A 167 -6.71 4.45 -21.83
N GLU A 168 -5.64 4.57 -22.62
CA GLU A 168 -5.50 5.76 -23.45
C GLU A 168 -6.59 5.84 -24.51
N GLU A 169 -7.00 4.71 -25.07
CA GLU A 169 -8.10 4.73 -26.03
C GLU A 169 -9.40 5.17 -25.37
N ILE A 170 -9.68 4.68 -24.17
CA ILE A 170 -10.88 5.10 -23.47
C ILE A 170 -10.83 6.59 -23.14
N LEU A 171 -9.70 7.05 -22.59
CA LEU A 171 -9.66 8.44 -22.12
C LEU A 171 -9.65 9.43 -23.29
N SER A 172 -9.13 9.04 -24.44
N SER A 172 -9.13 9.02 -24.45
CA SER A 172 -9.10 9.98 -25.56
CA SER A 172 -9.11 9.93 -25.60
C SER A 172 -10.50 10.34 -26.05
C SER A 172 -10.52 10.39 -25.97
N VAL A 173 -11.52 9.58 -25.67
CA VAL A 173 -12.90 9.93 -25.98
C VAL A 173 -13.44 10.98 -25.00
N ALA A 174 -12.94 10.97 -23.77
CA ALA A 174 -13.46 11.78 -22.68
C ALA A 174 -12.72 13.10 -22.50
N TYR A 175 -11.49 13.19 -23.00
CA TYR A 175 -10.70 14.41 -22.88
C TYR A 175 -10.57 15.11 -24.23
N LYS A 176 -11.68 15.29 -24.93
CA LYS A 176 -11.63 15.91 -26.25
C LYS A 176 -11.56 17.43 -26.19
N LYS A 177 -11.88 18.03 -25.05
CA LYS A 177 -11.91 19.47 -24.92
C LYS A 177 -10.53 20.00 -24.55
N ASP A 178 -10.44 21.31 -24.37
CA ASP A 178 -9.29 21.90 -23.70
C ASP A 178 -9.46 21.76 -22.19
N SER A 179 -8.40 22.07 -21.45
CA SER A 179 -8.26 21.62 -20.06
C SER A 179 -9.46 22.00 -19.20
N GLU A 180 -9.92 23.24 -19.29
CA GLU A 180 -10.97 23.73 -18.40
C GLU A 180 -12.27 22.94 -18.52
N ASP A 181 -12.51 22.29 -19.66
CA ASP A 181 -13.71 21.48 -19.84
C ASP A 181 -13.44 19.99 -19.68
N ASN A 182 -12.19 19.58 -19.48
CA ASN A 182 -11.87 18.18 -19.35
C ASN A 182 -12.34 17.66 -17.98
N PRO A 183 -12.50 16.35 -17.84
CA PRO A 183 -12.87 15.80 -16.53
C PRO A 183 -11.76 16.03 -15.51
N GLN A 184 -12.15 16.08 -14.24
CA GLN A 184 -11.18 16.00 -13.17
C GLN A 184 -10.54 14.61 -13.18
N THR A 185 -9.22 14.56 -13.04
CA THR A 185 -8.46 13.31 -13.13
C THR A 185 -7.91 12.96 -11.75
N LEU A 186 -8.25 11.77 -11.25
CA LEU A 186 -7.85 11.30 -9.92
C LEU A 186 -7.09 9.99 -10.04
N LEU A 187 -5.86 9.94 -9.54
CA LEU A 187 -5.04 8.74 -9.55
C LEU A 187 -4.83 8.28 -8.12
N PHE A 188 -5.11 7.00 -7.86
CA PHE A 188 -4.99 6.39 -6.53
C PHE A 188 -4.20 5.09 -6.65
N SER A 189 -3.20 4.90 -5.80
CA SER A 189 -2.40 3.68 -5.84
C SER A 189 -1.44 3.71 -4.65
N ALA A 190 -0.73 2.59 -4.44
CA ALA A 190 0.29 2.53 -3.39
C ALA A 190 1.68 2.86 -3.90
N THR A 191 1.91 2.74 -5.20
CA THR A 191 3.15 3.14 -5.84
C THR A 191 2.79 3.85 -7.13
N CYS A 192 3.74 4.64 -7.64
CA CYS A 192 3.59 5.22 -8.98
C CYS A 192 4.96 5.31 -9.62
N PRO A 193 5.39 4.25 -10.31
CA PRO A 193 6.65 4.33 -11.04
C PRO A 193 6.67 5.48 -12.03
N HIS A 194 7.88 5.98 -12.28
CA HIS A 194 8.12 6.99 -13.32
C HIS A 194 7.34 6.69 -14.60
N TRP A 195 7.47 5.47 -15.13
CA TRP A 195 6.91 5.20 -16.44
C TRP A 195 5.38 5.20 -16.42
N VAL A 196 4.79 4.90 -15.26
CA VAL A 196 3.33 4.94 -15.12
C VAL A 196 2.84 6.39 -15.07
N PHE A 197 3.56 7.25 -14.34
CA PHE A 197 3.13 8.65 -14.31
C PHE A 197 3.32 9.31 -15.66
N ASN A 198 4.33 8.90 -16.43
CA ASN A 198 4.53 9.47 -17.76
C ASN A 198 3.33 9.22 -18.67
N VAL A 199 2.62 8.11 -18.46
CA VAL A 199 1.38 7.88 -19.22
C VAL A 199 0.26 8.73 -18.67
N ALA A 200 0.07 8.69 -17.35
CA ALA A 200 -1.07 9.37 -16.73
C ALA A 200 -0.97 10.89 -16.84
N LYS A 201 0.25 11.43 -16.88
CA LYS A 201 0.44 12.88 -16.85
C LYS A 201 -0.26 13.56 -18.01
N LYS A 202 -0.41 12.86 -19.14
CA LYS A 202 -1.06 13.42 -20.32
C LYS A 202 -2.49 13.84 -20.07
N TYR A 203 -3.10 13.36 -18.98
CA TYR A 203 -4.49 13.63 -18.64
C TYR A 203 -4.62 14.46 -17.38
N MET A 204 -3.51 15.00 -16.87
CA MET A 204 -3.49 15.77 -15.65
C MET A 204 -3.23 17.23 -15.98
N LYS A 205 -4.01 18.13 -15.38
CA LYS A 205 -3.73 19.55 -15.52
C LYS A 205 -2.43 19.89 -14.79
N SER A 206 -1.73 20.90 -15.29
CA SER A 206 -0.48 21.32 -14.65
C SER A 206 -0.67 21.72 -13.19
N THR A 207 -1.90 22.03 -12.79
CA THR A 207 -2.22 22.44 -11.43
C THR A 207 -2.58 21.28 -10.50
N TYR A 208 -2.29 20.04 -10.88
CA TYR A 208 -2.71 18.89 -10.06
C TYR A 208 -2.07 18.93 -8.67
N GLU A 209 -2.78 18.36 -7.70
CA GLU A 209 -2.30 18.22 -6.34
C GLU A 209 -1.73 16.83 -6.11
N GLN A 210 -0.89 16.71 -5.07
CA GLN A 210 -0.31 15.43 -4.71
C GLN A 210 -0.49 15.23 -3.22
N VAL A 211 -0.93 14.04 -2.84
CA VAL A 211 -0.99 13.62 -1.45
C VAL A 211 -0.21 12.31 -1.39
N ASP A 212 0.94 12.33 -0.74
CA ASP A 212 1.80 11.16 -0.63
C ASP A 212 1.91 10.83 0.85
N LEU A 213 1.14 9.84 1.32
CA LEU A 213 1.26 9.34 2.68
C LEU A 213 2.16 8.13 2.76
N ILE A 214 2.85 7.78 1.66
CA ILE A 214 3.90 6.78 1.73
C ILE A 214 5.15 7.37 2.35
N LYS A 215 5.55 8.56 1.91
CA LYS A 215 6.80 9.17 2.38
C LYS A 215 6.77 9.42 3.88
N THR A 216 5.59 9.67 4.44
CA THR A 216 5.45 9.94 5.86
C THR A 216 5.09 8.72 6.69
N ALA A 217 4.87 7.57 6.05
CA ALA A 217 4.41 6.39 6.78
C ALA A 217 5.54 5.79 7.63
N ILE A 218 5.15 5.20 8.76
CA ILE A 218 6.06 4.45 9.62
C ILE A 218 6.16 3.04 9.03
N THR A 219 7.24 2.78 8.30
CA THR A 219 7.39 1.51 7.63
C THR A 219 8.34 0.55 8.35
N VAL A 220 9.02 1.03 9.40
CA VAL A 220 9.93 0.21 10.20
C VAL A 220 9.74 0.59 11.66
N GLU A 221 9.37 -0.39 12.49
CA GLU A 221 9.24 -0.18 13.93
C GLU A 221 10.53 -0.59 14.63
N HIS A 222 10.98 0.23 15.57
CA HIS A 222 12.18 -0.05 16.35
C HIS A 222 11.77 -0.38 17.77
N LEU A 223 12.06 -1.60 18.20
CA LEU A 223 11.69 -2.06 19.54
C LEU A 223 12.94 -2.37 20.35
N ALA A 224 12.95 -1.98 21.62
CA ALA A 224 14.06 -2.29 22.52
C ALA A 224 13.51 -3.14 23.64
N ILE A 225 14.11 -4.31 23.84
CA ILE A 225 13.62 -5.30 24.81
C ILE A 225 14.69 -5.43 25.87
N LYS A 226 14.37 -5.03 27.10
CA LYS A 226 15.31 -5.17 28.20
C LYS A 226 15.29 -6.61 28.65
N CYS A 227 16.48 -7.21 28.75
CA CYS A 227 16.58 -8.66 28.84
C CYS A 227 17.95 -9.05 29.39
N HIS A 228 17.98 -9.91 30.40
CA HIS A 228 19.23 -10.52 30.81
C HIS A 228 19.75 -11.43 29.69
N TRP A 229 21.07 -11.43 29.48
CA TRP A 229 21.63 -12.13 28.32
C TRP A 229 21.29 -13.61 28.31
N THR A 230 21.01 -14.22 29.47
CA THR A 230 20.67 -15.64 29.49
C THR A 230 19.29 -15.90 28.87
N GLN A 231 18.40 -14.93 28.92
CA GLN A 231 17.05 -15.09 28.39
C GLN A 231 16.94 -14.78 26.90
N ARG A 232 18.01 -14.27 26.28
CA ARG A 232 17.89 -13.76 24.92
C ARG A 232 17.38 -14.81 23.95
N ALA A 233 17.95 -16.02 24.00
CA ALA A 233 17.58 -17.04 23.03
C ALA A 233 16.10 -17.38 23.11
N ALA A 234 15.56 -17.52 24.33
CA ALA A 234 14.15 -17.86 24.45
C ALA A 234 13.27 -16.72 23.96
N VAL A 235 13.65 -15.47 24.24
CA VAL A 235 12.85 -14.35 23.78
C VAL A 235 12.93 -14.24 22.27
N ILE A 236 14.11 -14.48 21.69
CA ILE A 236 14.25 -14.46 20.24
C ILE A 236 13.29 -15.43 19.59
N GLY A 237 13.16 -16.64 20.14
CA GLY A 237 12.20 -17.59 19.62
C GLY A 237 10.78 -17.03 19.61
N ASP A 238 10.39 -16.32 20.67
CA ASP A 238 9.05 -15.78 20.75
C ASP A 238 8.83 -14.66 19.74
N VAL A 239 9.80 -13.73 19.63
CA VAL A 239 9.57 -12.61 18.72
C VAL A 239 9.62 -13.06 17.27
N ILE A 240 10.38 -14.13 16.97
CA ILE A 240 10.38 -14.67 15.62
C ILE A 240 9.01 -15.23 15.27
N ARG A 241 8.40 -15.95 16.21
CA ARG A 241 7.05 -16.48 15.99
C ARG A 241 6.05 -15.35 15.79
N VAL A 242 6.22 -14.24 16.51
CA VAL A 242 5.27 -13.13 16.45
C VAL A 242 5.40 -12.41 15.12
N TYR A 243 6.62 -12.03 14.74
CA TYR A 243 6.83 -11.06 13.68
C TYR A 243 7.29 -11.68 12.37
N SER A 244 7.79 -12.92 12.39
CA SER A 244 8.27 -13.60 11.20
C SER A 244 7.49 -14.86 10.89
N GLY A 245 7.24 -15.70 11.89
CA GLY A 245 6.43 -16.90 11.90
C GLY A 245 6.69 -17.80 10.70
N HIS A 246 5.61 -18.43 10.24
CA HIS A 246 5.63 -19.21 9.00
C HIS A 246 6.26 -18.39 7.89
N GLN A 247 7.02 -19.08 7.03
CA GLN A 247 7.61 -18.55 5.79
C GLN A 247 8.41 -17.27 5.99
N GLY A 248 8.79 -16.93 7.22
CA GLY A 248 9.43 -15.64 7.45
C GLY A 248 10.94 -15.66 7.28
N ARG A 249 11.53 -14.47 7.32
CA ARG A 249 12.98 -14.26 7.24
C ARG A 249 13.41 -13.40 8.42
N THR A 250 14.31 -13.93 9.25
CA THR A 250 14.89 -13.20 10.36
C THR A 250 16.40 -13.23 10.25
N ILE A 251 17.06 -12.11 10.54
CA ILE A 251 18.50 -12.08 10.69
C ILE A 251 18.83 -11.53 12.07
N ILE A 252 19.71 -12.23 12.78
CA ILE A 252 20.18 -11.85 14.11
C ILE A 252 21.66 -11.50 14.01
N PHE A 253 22.03 -10.36 14.60
CA PHE A 253 23.40 -9.88 14.58
C PHE A 253 23.94 -9.89 16.01
N CYS A 254 25.11 -10.50 16.21
CA CYS A 254 25.71 -10.48 17.52
C CYS A 254 27.21 -10.18 17.42
N GLU A 255 27.82 -10.01 18.60
CA GLU A 255 29.19 -9.51 18.65
C GLU A 255 30.20 -10.62 18.37
N THR A 256 30.06 -11.76 19.02
CA THR A 256 31.09 -12.79 19.00
C THR A 256 30.64 -14.02 18.22
N LYS A 257 31.64 -14.78 17.75
CA LYS A 257 31.35 -16.04 17.07
C LYS A 257 30.73 -17.05 18.03
N LYS A 258 31.22 -17.09 19.27
CA LYS A 258 30.67 -17.99 20.27
C LYS A 258 29.18 -17.74 20.48
N GLU A 259 28.81 -16.47 20.65
CA GLU A 259 27.39 -16.11 20.76
C GLU A 259 26.63 -16.53 19.51
N ALA A 260 27.19 -16.28 18.32
CA ALA A 260 26.48 -16.65 17.09
C ALA A 260 26.36 -18.16 16.97
N GLN A 261 27.42 -18.89 17.30
CA GLN A 261 27.38 -20.34 17.18
C GLN A 261 26.42 -20.95 18.20
N GLU A 262 26.46 -20.48 19.45
CA GLU A 262 25.57 -21.02 20.48
C GLU A 262 24.12 -20.64 20.21
N LEU A 263 23.87 -19.39 19.80
CA LEU A 263 22.51 -18.97 19.52
C LEU A 263 21.89 -19.81 18.42
N SER A 264 22.67 -20.13 17.37
CA SER A 264 22.15 -20.94 16.28
C SER A 264 21.95 -22.40 16.66
N GLN A 265 22.58 -22.87 17.73
CA GLN A 265 22.38 -24.22 18.22
C GLN A 265 21.33 -24.30 19.33
N ASN A 266 20.88 -23.15 19.84
CA ASN A 266 19.87 -23.12 20.89
C ASN A 266 18.56 -23.71 20.36
N SER A 267 17.97 -24.62 21.14
CA SER A 267 16.78 -25.32 20.66
C SER A 267 15.61 -24.38 20.41
N ALA A 268 15.71 -23.11 20.81
CA ALA A 268 14.65 -22.16 20.45
C ALA A 268 14.61 -21.88 18.95
N ILE A 269 15.74 -21.95 18.25
CA ILE A 269 15.76 -21.59 16.83
C ILE A 269 16.57 -22.57 15.98
N LYS A 270 17.23 -23.54 16.62
CA LYS A 270 18.23 -24.35 15.92
C LYS A 270 17.67 -25.03 14.68
N GLN A 271 16.42 -25.52 14.77
CA GLN A 271 15.84 -26.26 13.66
C GLN A 271 15.65 -25.40 12.41
N ASP A 272 15.65 -24.07 12.55
CA ASP A 272 15.41 -23.17 11.43
C ASP A 272 16.57 -22.22 11.18
N ALA A 273 17.74 -22.44 11.78
CA ALA A 273 18.80 -21.46 11.79
C ALA A 273 20.08 -21.98 11.20
N GLN A 274 20.87 -21.06 10.64
CA GLN A 274 22.27 -21.26 10.30
C GLN A 274 23.05 -20.05 10.78
N SER A 275 24.34 -20.25 11.05
CA SER A 275 25.21 -19.18 11.52
C SER A 275 26.17 -18.76 10.44
N LEU A 276 26.75 -17.56 10.64
CA LEU A 276 27.72 -16.98 9.73
C LEU A 276 28.72 -16.19 10.58
N HIS A 277 29.99 -16.56 10.50
CA HIS A 277 31.03 -15.85 11.24
C HIS A 277 32.33 -15.92 10.44
N GLY A 278 33.35 -15.21 10.93
CA GLY A 278 34.59 -15.06 10.19
C GLY A 278 35.36 -16.35 9.97
N ASP A 279 35.07 -17.40 10.75
CA ASP A 279 35.74 -18.67 10.53
C ASP A 279 35.20 -19.39 9.30
N ILE A 280 33.95 -19.10 8.92
CA ILE A 280 33.32 -19.76 7.79
C ILE A 280 34.01 -19.30 6.50
N PRO A 281 34.60 -20.20 5.73
CA PRO A 281 35.22 -19.78 4.48
C PRO A 281 34.18 -19.25 3.50
N GLN A 282 34.67 -18.42 2.57
CA GLN A 282 33.81 -17.70 1.62
C GLN A 282 32.77 -18.60 0.97
N LYS A 283 33.18 -19.80 0.54
CA LYS A 283 32.30 -20.66 -0.25
C LYS A 283 31.07 -21.09 0.56
N GLN A 284 31.25 -21.48 1.82
CA GLN A 284 30.10 -21.89 2.61
C GLN A 284 29.25 -20.69 2.99
N ARG A 285 29.87 -19.52 3.19
CA ARG A 285 29.10 -18.32 3.44
C ARG A 285 28.12 -18.05 2.30
N GLU A 286 28.62 -18.16 1.07
CA GLU A 286 27.78 -17.98 -0.11
C GLU A 286 26.65 -19.01 -0.17
N ILE A 287 26.99 -20.28 0.13
CA ILE A 287 25.97 -21.34 0.15
C ILE A 287 24.90 -21.02 1.18
N THR A 288 25.31 -20.56 2.36
CA THR A 288 24.34 -20.27 3.41
C THR A 288 23.41 -19.12 3.01
N LEU A 289 23.95 -18.09 2.35
CA LEU A 289 23.10 -16.97 1.95
C LEU A 289 22.10 -17.38 0.87
N LYS A 290 22.50 -18.27 -0.05
CA LYS A 290 21.55 -18.75 -1.05
C LYS A 290 20.42 -19.51 -0.39
N GLY A 291 20.72 -20.30 0.63
CA GLY A 291 19.69 -21.04 1.32
C GLY A 291 18.76 -20.15 2.12
N PHE A 292 19.29 -19.05 2.64
CA PHE A 292 18.43 -18.06 3.30
C PHE A 292 17.47 -17.43 2.30
N ARG A 293 17.96 -17.08 1.10
CA ARG A 293 17.11 -16.48 0.09
C ARG A 293 16.08 -17.47 -0.45
N ASN A 294 16.46 -18.72 -0.67
CA ASN A 294 15.55 -19.62 -1.36
C ASN A 294 14.67 -20.41 -0.40
N GLY A 295 14.64 -20.04 0.87
CA GLY A 295 13.70 -20.66 1.80
C GLY A 295 14.17 -21.95 2.43
N SER A 296 15.45 -22.28 2.30
CA SER A 296 15.95 -23.51 2.92
C SER A 296 15.93 -23.42 4.44
N PHE A 297 16.09 -22.23 4.99
CA PHE A 297 15.98 -22.00 6.42
C PHE A 297 15.56 -20.55 6.63
N GLY A 298 15.01 -20.25 7.79
CA GLY A 298 14.43 -18.93 7.98
C GLY A 298 15.13 -17.98 8.92
N VAL A 299 16.18 -18.43 9.62
CA VAL A 299 16.88 -17.61 10.60
C VAL A 299 18.37 -17.65 10.31
N LEU A 300 18.95 -16.48 10.08
CA LEU A 300 20.38 -16.34 9.88
C LEU A 300 20.96 -15.65 11.09
N VAL A 301 21.99 -16.26 11.69
CA VAL A 301 22.69 -15.66 12.82
C VAL A 301 24.07 -15.25 12.36
N ALA A 302 24.35 -13.96 12.39
CA ALA A 302 25.61 -13.44 11.85
C ALA A 302 26.33 -12.60 12.89
N THR A 303 27.63 -12.80 13.02
CA THR A 303 28.43 -11.85 13.77
C THR A 303 28.49 -10.54 13.00
N ASN A 304 28.61 -9.43 13.73
CA ASN A 304 28.85 -8.17 13.06
C ASN A 304 30.11 -8.24 12.19
N VAL A 305 31.06 -9.13 12.54
CA VAL A 305 32.26 -9.32 11.73
C VAL A 305 31.91 -9.89 10.36
N ALA A 306 31.20 -11.02 10.33
CA ALA A 306 30.78 -11.59 9.05
C ALA A 306 29.82 -10.69 8.30
N ALA A 307 29.08 -9.81 8.99
CA ALA A 307 28.09 -9.00 8.31
C ALA A 307 28.68 -7.78 7.59
N ARG A 308 29.95 -7.42 7.85
CA ARG A 308 30.58 -6.32 7.12
C ARG A 308 30.73 -6.70 5.64
N GLY A 309 30.18 -5.86 4.76
CA GLY A 309 30.21 -6.12 3.34
C GLY A 309 29.15 -7.08 2.83
N LEU A 310 28.51 -7.84 3.72
CA LEU A 310 27.46 -8.78 3.31
C LEU A 310 26.29 -8.04 2.68
N ASP A 311 25.78 -8.60 1.57
CA ASP A 311 24.59 -8.07 0.90
C ASP A 311 23.36 -8.68 1.57
N ILE A 312 22.56 -7.85 2.23
CA ILE A 312 21.49 -8.33 3.11
C ILE A 312 20.20 -8.45 2.29
N PRO A 313 19.60 -9.64 2.19
CA PRO A 313 18.29 -9.77 1.54
C PRO A 313 17.22 -8.99 2.31
N GLU A 314 16.10 -8.73 1.64
CA GLU A 314 14.94 -8.22 2.37
C GLU A 314 14.51 -9.26 3.39
N VAL A 315 14.14 -8.79 4.58
CA VAL A 315 13.78 -9.67 5.68
C VAL A 315 12.54 -9.11 6.38
N ASP A 316 11.92 -9.94 7.22
CA ASP A 316 10.80 -9.50 8.02
C ASP A 316 11.24 -8.89 9.34
N LEU A 317 12.34 -9.38 9.90
CA LEU A 317 12.72 -9.06 11.26
C LEU A 317 14.23 -8.98 11.35
N VAL A 318 14.75 -7.90 11.91
CA VAL A 318 16.18 -7.77 12.26
C VAL A 318 16.27 -7.74 13.78
N ILE A 319 17.20 -8.50 14.34
CA ILE A 319 17.46 -8.50 15.78
C ILE A 319 18.92 -8.17 16.02
N GLN A 320 19.20 -7.19 16.89
CA GLN A 320 20.54 -6.92 17.40
C GLN A 320 20.62 -7.42 18.83
N SER A 321 21.65 -8.22 19.13
CA SER A 321 21.76 -8.83 20.45
C SER A 321 22.08 -7.82 21.55
N SER A 322 22.62 -6.66 21.19
CA SER A 322 22.93 -5.57 22.10
C SER A 322 22.98 -4.28 21.29
N PRO A 323 22.88 -3.11 21.93
CA PRO A 323 22.89 -1.84 21.16
C PRO A 323 24.14 -1.75 20.30
N PRO A 324 23.98 -1.52 18.99
CA PRO A 324 25.13 -1.61 18.08
C PRO A 324 26.05 -0.41 18.20
N LYS A 325 27.36 -0.67 18.14
CA LYS A 325 28.34 0.40 18.07
C LYS A 325 28.41 1.00 16.67
N ASP A 326 28.19 0.19 15.64
CA ASP A 326 28.15 0.66 14.25
C ASP A 326 26.71 1.02 13.89
N VAL A 327 26.32 2.24 14.26
CA VAL A 327 24.96 2.68 13.99
C VAL A 327 24.70 2.79 12.50
N GLU A 328 25.74 3.12 11.71
CA GLU A 328 25.57 3.15 10.26
C GLU A 328 25.10 1.79 9.75
N SER A 329 25.73 0.71 10.21
CA SER A 329 25.29 -0.63 9.81
C SER A 329 23.86 -0.90 10.28
N TYR A 330 23.51 -0.39 11.46
CA TYR A 330 22.16 -0.62 11.99
C TYR A 330 21.11 0.06 11.12
N ILE A 331 21.34 1.34 10.78
CA ILE A 331 20.46 2.08 9.90
C ILE A 331 20.26 1.33 8.59
N HIS A 332 21.35 0.79 8.03
CA HIS A 332 21.27 0.06 6.77
C HIS A 332 20.44 -1.20 6.94
N ARG A 333 20.72 -1.99 7.98
CA ARG A 333 19.98 -3.24 8.19
C ARG A 333 18.49 -2.98 8.39
N SER A 334 18.15 -1.91 9.12
CA SER A 334 16.75 -1.61 9.40
C SER A 334 16.00 -1.29 8.13
N GLY A 335 16.67 -0.64 7.17
CA GLY A 335 16.08 -0.36 5.87
C GLY A 335 15.80 -1.60 5.04
N ARG A 336 16.31 -2.75 5.44
CA ARG A 336 16.07 -4.01 4.73
C ARG A 336 14.86 -4.76 5.25
N THR A 337 14.19 -4.26 6.31
CA THR A 337 13.08 -4.98 6.90
C THR A 337 11.75 -4.51 6.33
N GLY A 338 10.81 -5.45 6.25
CA GLY A 338 9.48 -5.18 5.72
C GLY A 338 9.32 -5.65 4.28
N ARG A 339 8.62 -6.76 4.08
CA ARG A 339 8.47 -7.35 2.77
C ARG A 339 7.01 -7.28 2.34
N ALA A 340 6.80 -7.16 1.02
CA ALA A 340 5.47 -7.22 0.43
C ALA A 340 4.56 -6.15 1.03
N GLY A 341 5.10 -4.95 1.24
CA GLY A 341 4.33 -3.86 1.80
C GLY A 341 4.19 -3.85 3.31
N ARG A 342 4.59 -4.92 4.00
CA ARG A 342 4.44 -4.96 5.45
C ARG A 342 5.44 -4.07 6.15
N THR A 343 5.06 -3.59 7.33
CA THR A 343 5.95 -2.80 8.16
C THR A 343 7.07 -3.68 8.72
N GLY A 344 8.31 -3.22 8.58
CA GLY A 344 9.42 -3.96 9.12
C GLY A 344 9.54 -3.80 10.63
N VAL A 345 10.22 -4.75 11.27
CA VAL A 345 10.46 -4.68 12.71
C VAL A 345 11.95 -4.86 12.96
N CYS A 346 12.53 -3.93 13.69
N CYS A 346 12.52 -3.97 13.75
CA CYS A 346 13.89 -4.06 14.20
CA CYS A 346 13.92 -4.03 14.18
C CYS A 346 13.81 -4.15 15.71
C CYS A 346 13.96 -4.04 15.70
N ILE A 347 14.53 -5.10 16.28
CA ILE A 347 14.55 -5.30 17.73
C ILE A 347 15.98 -5.21 18.21
N CYS A 348 16.22 -4.35 19.20
N CYS A 348 16.22 -4.40 19.24
CA CYS A 348 17.49 -4.29 19.92
CA CYS A 348 17.51 -4.32 19.89
C CYS A 348 17.26 -4.84 21.33
C CYS A 348 17.39 -4.74 21.34
N PHE A 349 18.04 -5.83 21.71
CA PHE A 349 18.06 -6.27 23.10
C PHE A 349 18.99 -5.38 23.90
N TYR A 350 18.69 -5.24 25.20
CA TYR A 350 19.65 -4.48 26.01
C TYR A 350 19.53 -4.90 27.47
N GLN A 351 20.68 -4.86 28.14
CA GLN A 351 20.77 -5.07 29.58
C GLN A 351 20.83 -3.74 30.31
N HIS A 352 20.66 -3.80 31.64
CA HIS A 352 20.68 -2.59 32.45
C HIS A 352 21.93 -1.75 32.20
N LYS A 353 23.10 -2.40 32.12
CA LYS A 353 24.33 -1.63 31.94
C LYS A 353 24.49 -1.09 30.53
N GLU A 354 23.57 -1.42 29.62
CA GLU A 354 23.62 -0.94 28.24
C GLU A 354 22.55 0.09 27.93
N GLU A 355 21.82 0.57 28.95
CA GLU A 355 20.65 1.41 28.69
C GLU A 355 21.03 2.76 28.09
N TYR A 356 22.12 3.37 28.55
CA TYR A 356 22.54 4.63 27.93
C TYR A 356 23.02 4.40 26.50
N GLN A 357 23.59 3.23 26.18
CA GLN A 357 24.00 2.95 24.81
C GLN A 357 22.80 2.96 23.87
N LEU A 358 21.64 2.53 24.36
CA LEU A 358 20.41 2.63 23.57
C LEU A 358 20.12 4.08 23.22
N VAL A 359 20.26 4.98 24.19
CA VAL A 359 20.07 6.41 23.94
C VAL A 359 21.07 6.91 22.91
N GLN A 360 22.31 6.43 22.96
CA GLN A 360 23.30 6.84 21.96
C GLN A 360 22.87 6.41 20.57
N VAL A 361 22.36 5.19 20.43
CA VAL A 361 21.84 4.73 19.13
C VAL A 361 20.68 5.60 18.69
N GLU A 362 19.78 5.93 19.62
CA GLU A 362 18.64 6.78 19.25
C GLU A 362 19.12 8.11 18.69
N GLN A 363 20.12 8.72 19.34
CA GLN A 363 20.62 10.02 18.88
C GLN A 363 21.35 9.90 17.56
N LYS A 364 22.25 8.92 17.44
CA LYS A 364 23.06 8.82 16.22
C LYS A 364 22.25 8.36 15.03
N ALA A 365 21.15 7.62 15.25
CA ALA A 365 20.30 7.17 14.16
C ALA A 365 19.06 8.04 13.97
N GLY A 366 18.80 8.98 14.87
CA GLY A 366 17.61 9.82 14.77
C GLY A 366 16.32 9.03 14.85
N ILE A 367 16.26 8.05 15.74
CA ILE A 367 15.07 7.23 15.95
C ILE A 367 14.74 7.21 17.44
N LYS A 368 13.54 6.75 17.75
CA LYS A 368 13.13 6.48 19.11
C LYS A 368 12.67 5.03 19.21
N PHE A 369 13.19 4.30 20.19
CA PHE A 369 12.76 2.92 20.42
C PHE A 369 11.47 2.88 21.22
N LYS A 370 10.60 1.92 20.90
CA LYS A 370 9.56 1.51 21.85
C LYS A 370 10.19 0.53 22.84
N ARG A 371 10.18 0.88 24.11
CA ARG A 371 10.85 0.09 25.13
C ARG A 371 9.86 -0.91 25.72
N ILE A 372 10.23 -2.18 25.69
CA ILE A 372 9.41 -3.26 26.18
C ILE A 372 10.19 -4.11 27.22
#